data_7JUU
#
_entry.id   7JUU
#
_cell.length_a   140.000
_cell.length_b   140.000
_cell.length_c   220.000
_cell.angle_alpha   90.00
_cell.angle_beta   90.00
_cell.angle_gamma   120.00
#
_symmetry.space_group_name_H-M   'P 61 2 2'
#
loop_
_entity.id
_entity.type
_entity.pdbx_description
1 polymer 'Kinase suppressor of Ras 2'
2 polymer 'Dual specificity mitogen-activated protein kinase kinase 1'
3 non-polymer 'PHOSPHOAMINOPHOSPHONIC ACID-ADENYLATE ESTER'
4 non-polymer 'MAGNESIUM ION'
5 non-polymer N-{[(2R)-2,3-dihydroxypropyl]oxy}-3,4-difluoro-2-[(2-fluoro-4-iodophenyl)amino]benzamide
6 water water
#
loop_
_entity_poly.entity_id
_entity_poly.type
_entity_poly.pdbx_seq_one_letter_code
_entity_poly.pdbx_strand_id
1 'polypeptide(L)'
;MSYYHHHHHHDYDIPTTENLYFQGAEMNLSLLSARSFPRKASQTSIFLQEWDIPFEQLEIGELIGKGRFGQVYHGRWHGE
VAIRLIDIERDNEDQLKAFKREVMAYRQTRHENVVLFMGACMSPPHLAIITSLCKGRTLYSVVRDAKIVLDVNKTRQIAQ
EIVKGMGYLHAKGILHKDLKSKNVFYDNGKVVITDFGLFSISGVLQAGRREDKLRIQNGWLCHLAPEIIRQLSPDTEEDK
LPFSKHSDVFALGTIWYELHAREWPFKTQPAEAIIWQMGTGMKPNLSQIGMGKEISDILLFCWAFEQEERPTFTKLMDML
EKLPKRNRRLSHPGHFWKSAEL
;
B
2 'polypeptide(L)'
;MSYYHHHHHHDYDIPTTENLYFQGAKKLEELELDEQQRKRLEAFLTQKQKVGELKDDDFEKISELGAGNGGVVFKVSHKP
SGLVMARKLIHLEIKPAIRNQIIRELQVLHECNSPYIVGFYGAFYSDGEISICMEHMDGGSLDQVLKKAGRIPEQILGKV
SIAVIKGLTYLREKHKIMHRDVKPSNILVNSRGEIKLCDFGVSGQLIDSMANSFVGTRSYMSPERLQGTHYSVQSDIWSM
GLSLVEMAVGRYPIPPPDAKELELMFGCQVEGDAAETPPRPRTPGRPLSSYGMDSRPPMAIFELLDYIVNEPPPKLPSAV
FSLEFQDFVNKCLIKNPAERADLKQLMVHAFIKRSDAEEVDFAGWLCSTIGLNQPSTPTHAAGV
;
C
#
loop_
_chem_comp.id
_chem_comp.type
_chem_comp.name
_chem_comp.formula
4BM non-polymer N-{[(2R)-2,3-dihydroxypropyl]oxy}-3,4-difluoro-2-[(2-fluoro-4-iodophenyl)amino]benzamide 'C16 H14 F3 I N2 O4'
ANP non-polymer 'PHOSPHOAMINOPHOSPHONIC ACID-ADENYLATE ESTER' 'C10 H17 N6 O12 P3'
MG non-polymer 'MAGNESIUM ION' 'Mg 2'
#
# COMPACT_ATOMS: atom_id res chain seq x y z
N THR A 44 15.23 7.38 34.42
CA THR A 44 14.05 6.62 34.03
C THR A 44 12.91 7.59 33.67
N SER A 45 13.09 8.85 34.05
CA SER A 45 12.10 9.88 33.77
C SER A 45 12.82 11.17 33.36
N ILE A 46 12.10 11.99 32.61
CA ILE A 46 12.57 13.33 32.24
C ILE A 46 11.50 14.32 32.70
N PHE A 47 11.94 15.39 33.38
CA PHE A 47 11.05 16.41 33.90
C PHE A 47 11.09 17.65 33.01
N LEU A 48 10.06 18.48 33.15
CA LEU A 48 9.95 19.69 32.34
C LEU A 48 10.66 20.89 32.96
N GLN A 49 10.96 20.84 34.26
CA GLN A 49 11.79 21.86 34.89
C GLN A 49 13.26 21.72 34.53
N GLU A 50 13.64 20.63 33.86
CA GLU A 50 14.99 20.45 33.35
C GLU A 50 15.31 21.38 32.19
N TRP A 51 14.31 22.02 31.59
CA TRP A 51 14.47 22.73 30.34
C TRP A 51 14.75 24.21 30.57
N ASP A 52 15.42 24.82 29.59
CA ASP A 52 15.79 26.23 29.67
C ASP A 52 14.63 27.18 29.43
N ILE A 53 13.57 26.72 28.76
CA ILE A 53 12.36 27.52 28.62
C ILE A 53 11.64 27.50 29.96
N PRO A 54 11.46 28.65 30.62
CA PRO A 54 10.78 28.66 31.92
C PRO A 54 9.34 28.19 31.79
N PHE A 55 8.99 27.16 32.54
CA PHE A 55 7.71 26.46 32.40
C PHE A 55 6.92 26.59 33.70
N GLU A 56 5.73 27.18 33.59
CA GLU A 56 4.85 27.33 34.74
C GLU A 56 3.55 26.54 34.60
N GLN A 57 2.85 26.70 33.49
CA GLN A 57 1.61 25.96 33.24
C GLN A 57 1.55 25.57 31.77
N LEU A 58 0.83 24.49 31.49
CA LEU A 58 0.64 24.01 30.13
C LEU A 58 -0.83 23.64 29.94
N GLU A 59 -1.50 24.36 29.05
CA GLU A 59 -2.89 24.06 28.69
C GLU A 59 -2.92 23.25 27.41
N ILE A 60 -3.80 22.24 27.37
CA ILE A 60 -3.98 21.40 26.19
C ILE A 60 -5.32 21.75 25.55
N GLY A 61 -5.30 22.06 24.25
CA GLY A 61 -6.49 22.47 23.55
C GLY A 61 -7.07 21.41 22.63
N GLU A 62 -7.47 21.82 21.43
CA GLU A 62 -8.07 20.91 20.47
C GLU A 62 -7.00 20.11 19.74
N LEU A 63 -7.43 18.99 19.16
CA LEU A 63 -6.55 18.20 18.30
C LEU A 63 -6.31 18.95 16.98
N ILE A 64 -5.04 19.03 16.57
CA ILE A 64 -4.70 19.76 15.36
C ILE A 64 -4.99 18.91 14.13
N GLY A 65 -4.64 17.62 14.18
CA GLY A 65 -4.90 16.75 13.05
C GLY A 65 -4.55 15.32 13.39
N LYS A 66 -4.99 14.42 12.53
CA LYS A 66 -4.69 13.00 12.67
C LYS A 66 -3.27 12.71 12.18
N GLY A 67 -2.62 11.75 12.82
CA GLY A 67 -1.26 11.39 12.45
C GLY A 67 -0.93 9.99 12.89
N ARG A 68 0.02 9.37 12.19
CA ARG A 68 0.41 8.00 12.50
C ARG A 68 1.08 7.92 13.86
N PHE A 69 1.87 8.93 14.21
CA PHE A 69 2.68 8.90 15.43
C PHE A 69 2.10 9.88 16.44
N GLY A 70 1.43 9.35 17.45
CA GLY A 70 0.89 10.17 18.52
C GLY A 70 -0.20 11.11 18.06
N GLN A 71 -0.70 11.89 19.00
CA GLN A 71 -1.69 12.92 18.75
C GLN A 71 -1.06 14.29 18.92
N VAL A 72 -1.47 15.25 18.09
CA VAL A 72 -0.92 16.59 18.09
C VAL A 72 -2.04 17.55 18.47
N TYR A 73 -1.93 18.18 19.63
CA TYR A 73 -2.94 19.10 20.15
C TYR A 73 -2.42 20.53 20.13
N HIS A 74 -3.37 21.47 20.15
CA HIS A 74 -3.06 22.86 20.45
C HIS A 74 -2.65 23.00 21.92
N GLY A 75 -1.87 24.04 22.20
CA GLY A 75 -1.37 24.25 23.54
C GLY A 75 -1.18 25.73 23.86
N ARG A 76 -1.04 26.00 25.16
CA ARG A 76 -0.80 27.34 25.65
C ARG A 76 0.32 27.28 26.68
N TRP A 77 1.24 28.25 26.61
CA TRP A 77 2.41 28.28 27.47
C TRP A 77 2.55 29.65 28.12
N GLY A 79 2.13 32.26 25.28
CA GLY A 79 2.07 31.94 23.86
C GLY A 79 1.53 30.57 23.49
N GLU A 80 1.03 30.43 22.26
CA GLU A 80 0.51 29.14 21.80
C GLU A 80 1.65 28.21 21.44
N VAL A 81 1.38 26.90 21.50
CA VAL A 81 2.41 25.88 21.38
C VAL A 81 1.77 24.63 20.78
N ALA A 82 2.60 23.70 20.31
CA ALA A 82 2.13 22.45 19.71
C ALA A 82 2.60 21.28 20.55
N ILE A 83 1.64 20.49 21.06
CA ILE A 83 1.92 19.38 21.96
C ILE A 83 1.64 18.07 21.23
N ARG A 84 2.63 17.18 21.22
CA ARG A 84 2.50 15.85 20.63
C ARG A 84 2.58 14.82 21.75
N LEU A 85 1.46 14.14 22.01
CA LEU A 85 1.40 13.13 23.05
C LEU A 85 1.66 11.75 22.45
N ILE A 86 2.63 11.04 23.02
CA ILE A 86 3.02 9.71 22.58
C ILE A 86 2.87 8.75 23.76
N ASP A 87 2.63 7.48 23.44
CA ASP A 87 2.57 6.43 24.45
C ASP A 87 3.68 5.42 24.19
N ILE A 88 4.31 4.96 25.27
CA ILE A 88 5.35 3.95 25.22
C ILE A 88 4.82 2.69 25.90
N GLU A 89 5.16 1.52 25.33
CA GLU A 89 4.61 0.26 25.80
C GLU A 89 5.26 -0.24 27.10
N ARG A 90 6.21 0.52 27.66
CA ARG A 90 7.00 0.14 28.82
C ARG A 90 7.93 -1.03 28.54
N ASP A 91 8.27 -1.26 27.28
CA ASP A 91 9.26 -2.24 26.87
C ASP A 91 10.39 -1.52 26.13
N ASN A 92 11.39 -2.30 25.69
CA ASN A 92 12.61 -1.81 25.06
C ASN A 92 13.16 -0.56 25.76
N GLU A 93 13.25 -0.64 27.09
CA GLU A 93 13.68 0.49 27.91
C GLU A 93 15.08 0.97 27.59
N ASP A 94 15.89 0.20 26.86
CA ASP A 94 17.17 0.70 26.39
C ASP A 94 16.99 1.57 25.14
N GLN A 95 16.05 1.20 24.27
CA GLN A 95 15.62 2.12 23.22
C GLN A 95 14.96 3.35 23.82
N LEU A 96 14.37 3.22 25.01
CA LEU A 96 13.77 4.35 25.70
C LEU A 96 14.83 5.37 26.12
N LYS A 97 15.89 4.91 26.81
CA LYS A 97 16.92 5.85 27.25
C LYS A 97 17.69 6.43 26.07
N ALA A 98 17.74 5.71 24.95
CA ALA A 98 18.29 6.30 23.73
C ALA A 98 17.40 7.42 23.23
N PHE A 99 16.09 7.27 23.37
CA PHE A 99 15.17 8.36 23.06
C PHE A 99 15.43 9.58 23.94
N LYS A 100 15.83 9.35 25.19
CA LYS A 100 16.13 10.47 26.08
C LYS A 100 17.32 11.28 25.58
N ARG A 101 18.39 10.58 25.16
CA ARG A 101 19.57 11.28 24.69
C ARG A 101 19.30 12.01 23.37
N GLU A 102 18.49 11.40 22.49
CA GLU A 102 18.10 12.09 21.27
C GLU A 102 17.30 13.35 21.58
N VAL A 103 16.48 13.31 22.63
CA VAL A 103 15.74 14.50 23.05
C VAL A 103 16.68 15.55 23.62
N MET A 104 17.62 15.14 24.47
CA MET A 104 18.61 16.08 24.97
C MET A 104 19.48 16.64 23.86
N ALA A 105 19.62 15.91 22.75
CA ALA A 105 20.29 16.46 21.58
C ALA A 105 19.46 17.59 20.96
N TYR A 106 18.13 17.43 20.94
CA TYR A 106 17.26 18.50 20.44
C TYR A 106 17.41 19.78 21.25
N ARG A 107 17.80 19.66 22.52
CA ARG A 107 17.84 20.82 23.40
C ARG A 107 18.81 21.88 22.89
N GLN A 108 19.92 21.45 22.30
CA GLN A 108 20.97 22.35 21.83
C GLN A 108 20.69 22.91 20.44
N THR A 109 19.47 22.81 19.95
CA THR A 109 19.12 23.27 18.61
C THR A 109 18.37 24.59 18.67
N ARG A 110 18.77 25.52 17.81
CA ARG A 110 18.01 26.77 17.63
C ARG A 110 18.41 27.35 16.28
N HIS A 111 17.44 27.46 15.37
CA HIS A 111 17.72 27.91 14.02
C HIS A 111 16.42 28.41 13.41
N GLU A 112 16.53 29.46 12.57
CA GLU A 112 15.33 30.13 12.06
C GLU A 112 14.52 29.23 11.14
N ASN A 113 15.16 28.25 10.50
CA ASN A 113 14.49 27.33 9.60
C ASN A 113 14.18 25.98 10.25
N VAL A 114 14.34 25.89 11.57
CA VAL A 114 14.09 24.66 12.31
C VAL A 114 13.09 24.96 13.41
N VAL A 115 12.07 24.11 13.54
CA VAL A 115 11.02 24.36 14.53
C VAL A 115 11.63 24.37 15.93
N LEU A 116 11.17 25.31 16.75
CA LEU A 116 11.77 25.53 18.06
C LEU A 116 11.37 24.42 19.01
N PHE A 117 12.30 23.53 19.32
CA PHE A 117 12.05 22.53 20.34
C PHE A 117 12.02 23.21 21.70
N MET A 118 10.89 23.12 22.39
CA MET A 118 10.70 23.85 23.64
C MET A 118 10.74 23.00 24.90
N GLY A 119 10.36 21.74 24.82
CA GLY A 119 10.44 20.88 25.99
C GLY A 119 9.91 19.50 25.70
N ALA A 120 10.16 18.60 26.64
CA ALA A 120 9.70 17.21 26.56
C ALA A 120 9.65 16.66 27.97
N CYS A 121 8.49 16.16 28.39
CA CYS A 121 8.33 15.53 29.68
C CYS A 121 7.92 14.08 29.49
N MET A 122 8.46 13.20 30.33
CA MET A 122 8.26 11.76 30.20
C MET A 122 7.81 11.20 31.53
N SER A 123 6.57 10.72 31.58
CA SER A 123 6.04 9.99 32.72
C SER A 123 5.44 8.71 32.15
N PRO A 124 6.23 7.65 32.02
CA PRO A 124 5.75 6.41 31.38
C PRO A 124 4.46 5.93 32.02
N PRO A 125 3.51 5.42 31.22
CA PRO A 125 3.65 5.12 29.79
C PRO A 125 3.40 6.29 28.83
N HIS A 126 3.37 7.52 29.32
CA HIS A 126 3.01 8.68 28.51
C HIS A 126 4.21 9.57 28.29
N LEU A 127 4.43 9.96 27.03
CA LEU A 127 5.47 10.90 26.64
C LEU A 127 4.86 12.11 25.96
N ALA A 128 5.57 13.22 25.97
CA ALA A 128 5.06 14.45 25.38
C ALA A 128 6.22 15.26 24.81
N ILE A 129 6.09 15.68 23.55
CA ILE A 129 7.07 16.53 22.89
C ILE A 129 6.39 17.85 22.59
N ILE A 130 6.98 18.94 23.10
CA ILE A 130 6.36 20.26 23.02
C ILE A 130 7.26 21.14 22.17
N THR A 131 6.75 21.55 21.00
CA THR A 131 7.48 22.42 20.10
C THR A 131 6.67 23.67 19.84
N SER A 132 7.34 24.70 19.32
CA SER A 132 6.66 25.93 18.96
C SER A 132 5.59 25.65 17.90
N LEU A 133 4.49 26.40 18.00
CA LEU A 133 3.38 26.24 17.06
C LEU A 133 3.66 27.00 15.78
N CYS A 134 3.43 26.35 14.64
CA CYS A 134 3.69 26.93 13.33
C CYS A 134 2.42 27.58 12.80
N LYS A 135 2.48 28.88 12.54
CA LYS A 135 1.40 29.55 11.85
C LYS A 135 1.50 29.30 10.35
N GLY A 136 0.37 29.43 9.67
CA GLY A 136 0.33 29.15 8.25
C GLY A 136 -0.07 27.72 7.95
N ARG A 137 0.35 27.20 6.80
CA ARG A 137 -0.01 25.86 6.38
C ARG A 137 1.22 25.07 6.01
N THR A 138 1.06 23.75 5.96
CA THR A 138 2.15 22.87 5.56
C THR A 138 2.45 23.06 4.07
N LEU A 139 3.71 22.82 3.72
CA LEU A 139 4.11 22.88 2.32
C LEU A 139 3.31 21.90 1.48
N TYR A 140 2.90 20.77 2.07
CA TYR A 140 2.03 19.82 1.36
C TYR A 140 0.72 20.49 0.95
N SER A 141 0.13 21.30 1.84
CA SER A 141 -1.14 21.93 1.51
C SER A 141 -0.96 23.10 0.56
N VAL A 142 0.17 23.80 0.65
CA VAL A 142 0.41 24.93 -0.24
C VAL A 142 0.65 24.46 -1.67
N VAL A 143 1.49 23.43 -1.83
CA VAL A 143 1.83 22.92 -3.15
C VAL A 143 0.61 22.34 -3.87
N ARG A 144 -0.41 21.90 -3.13
CA ARG A 144 -1.62 21.33 -3.72
C ARG A 144 -2.78 22.31 -3.76
N ASP A 145 -2.49 23.61 -3.67
CA ASP A 145 -3.51 24.66 -3.71
C ASP A 145 -3.43 25.35 -5.07
N ALA A 146 -4.48 25.21 -5.87
CA ALA A 146 -4.48 25.78 -7.21
C ALA A 146 -4.46 27.30 -7.20
N LYS A 147 -4.95 27.92 -6.13
CA LYS A 147 -4.99 29.38 -6.01
C LYS A 147 -3.66 29.98 -5.58
N ILE A 148 -2.55 29.25 -5.66
CA ILE A 148 -1.25 29.74 -5.21
C ILE A 148 -0.23 29.50 -6.31
N VAL A 149 0.41 30.57 -6.75
CA VAL A 149 1.43 30.48 -7.79
C VAL A 149 2.76 30.08 -7.17
N LEU A 150 3.46 29.14 -7.82
CA LEU A 150 4.78 28.69 -7.38
C LEU A 150 5.75 28.84 -8.56
N ASP A 151 6.13 30.09 -8.84
CA ASP A 151 7.08 30.33 -9.93
C ASP A 151 8.46 29.77 -9.58
N VAL A 152 9.32 29.70 -10.59
CA VAL A 152 10.64 29.09 -10.40
C VAL A 152 11.44 29.81 -9.33
N ASN A 153 11.24 31.12 -9.19
CA ASN A 153 12.02 31.87 -8.21
C ASN A 153 11.62 31.49 -6.79
N LYS A 154 10.32 31.41 -6.52
CA LYS A 154 9.86 31.05 -5.19
C LYS A 154 10.25 29.62 -4.83
N THR A 155 10.17 28.70 -5.79
CA THR A 155 10.57 27.32 -5.52
C THR A 155 12.07 27.24 -5.23
N ARG A 156 12.87 28.05 -5.92
CA ARG A 156 14.30 28.10 -5.60
C ARG A 156 14.52 28.62 -4.19
N GLN A 157 13.73 29.61 -3.78
CA GLN A 157 13.91 30.20 -2.45
C GLN A 157 13.41 29.26 -1.35
N ILE A 158 12.25 28.63 -1.56
CA ILE A 158 11.75 27.67 -0.58
C ILE A 158 12.73 26.52 -0.40
N ALA A 159 13.30 26.03 -1.52
CA ALA A 159 14.28 24.97 -1.43
C ALA A 159 15.51 25.42 -0.65
N GLN A 160 15.98 26.64 -0.89
CA GLN A 160 17.17 27.13 -0.21
C GLN A 160 16.95 27.24 1.29
N GLU A 161 15.73 27.59 1.72
CA GLU A 161 15.43 27.66 3.14
C GLU A 161 15.50 26.29 3.80
N ILE A 162 14.89 25.29 3.17
CA ILE A 162 14.93 23.93 3.71
C ILE A 162 16.37 23.43 3.76
N VAL A 163 17.16 23.77 2.74
CA VAL A 163 18.55 23.33 2.71
C VAL A 163 19.34 23.94 3.87
N LYS A 164 19.11 25.24 4.14
CA LYS A 164 19.79 25.90 5.24
C LYS A 164 19.48 25.23 6.57
N GLY A 165 18.19 24.94 6.81
CA GLY A 165 17.83 24.26 8.03
C GLY A 165 18.40 22.85 8.11
N MET A 166 18.36 22.10 7.00
CA MET A 166 18.90 20.76 7.01
C MET A 166 20.41 20.76 7.15
N GLY A 167 21.08 21.77 6.60
CA GLY A 167 22.52 21.91 6.82
C GLY A 167 22.84 22.15 8.28
N TYR A 168 22.01 22.93 8.97
CA TYR A 168 22.20 23.15 10.39
C TYR A 168 22.04 21.85 11.17
N LEU A 169 20.98 21.10 10.88
CA LEU A 169 20.75 19.84 11.59
C LEU A 169 21.87 18.84 11.33
N HIS A 170 22.41 18.84 10.11
CA HIS A 170 23.53 17.95 9.82
C HIS A 170 24.79 18.39 10.55
N ALA A 171 25.04 19.71 10.59
CA ALA A 171 26.22 20.22 11.30
C ALA A 171 26.16 19.86 12.77
N LYS A 172 24.96 19.88 13.36
CA LYS A 172 24.76 19.45 14.74
C LYS A 172 24.75 17.94 14.89
N GLY A 173 24.96 17.20 13.81
CA GLY A 173 24.98 15.75 13.87
C GLY A 173 23.63 15.10 14.05
N ILE A 174 22.58 15.68 13.45
CA ILE A 174 21.21 15.20 13.60
C ILE A 174 20.67 14.84 12.22
N LEU A 175 20.17 13.61 12.10
CA LEU A 175 19.50 13.16 10.89
C LEU A 175 17.99 13.32 11.04
N HIS A 176 17.35 13.84 9.99
CA HIS A 176 15.91 14.04 10.04
C HIS A 176 15.17 12.72 9.93
N LYS A 177 15.57 11.89 8.96
CA LYS A 177 15.05 10.55 8.70
C LYS A 177 13.60 10.53 8.22
N ASP A 178 12.96 11.68 8.04
CA ASP A 178 11.58 11.71 7.54
C ASP A 178 11.26 13.08 6.95
N LEU A 179 12.15 13.60 6.11
CA LEU A 179 11.93 14.88 5.47
C LEU A 179 10.86 14.76 4.39
N LYS A 180 9.84 15.62 4.46
CA LYS A 180 8.73 15.57 3.51
C LYS A 180 7.97 16.89 3.58
N SER A 181 7.01 17.04 2.66
CA SER A 181 6.26 18.29 2.58
C SER A 181 5.30 18.44 3.75
N LYS A 182 4.77 17.34 4.28
CA LYS A 182 3.89 17.42 5.44
C LYS A 182 4.63 17.85 6.70
N ASN A 183 5.96 17.83 6.69
CA ASN A 183 6.78 18.24 7.83
C ASN A 183 7.58 19.50 7.53
N VAL A 184 7.05 20.35 6.65
CA VAL A 184 7.59 21.68 6.39
C VAL A 184 6.43 22.66 6.40
N PHE A 185 6.61 23.79 7.08
CA PHE A 185 5.55 24.79 7.23
C PHE A 185 5.97 26.09 6.55
N TYR A 186 5.02 26.68 5.82
CA TYR A 186 5.28 27.87 5.02
C TYR A 186 4.22 28.92 5.35
N ASP A 187 4.65 30.07 5.84
CA ASP A 187 3.74 31.18 6.17
C ASP A 187 4.29 32.46 5.52
N ASN A 188 3.88 32.71 4.29
CA ASN A 188 4.22 33.94 3.56
C ASN A 188 5.74 34.19 3.60
N GLY A 189 6.49 33.21 3.12
CA GLY A 189 7.93 33.32 3.01
C GLY A 189 8.71 32.75 4.18
N LYS A 190 8.05 32.37 5.26
CA LYS A 190 8.70 31.78 6.42
C LYS A 190 8.63 30.26 6.30
N VAL A 191 9.79 29.61 6.22
CA VAL A 191 9.88 28.18 5.98
C VAL A 191 10.54 27.52 7.19
N VAL A 192 9.84 26.55 7.79
CA VAL A 192 10.30 25.88 9.00
C VAL A 192 10.23 24.37 8.79
N ILE A 193 11.25 23.66 9.29
CA ILE A 193 11.31 22.19 9.24
C ILE A 193 10.75 21.62 10.54
N THR A 194 10.04 20.50 10.43
CA THR A 194 9.32 19.91 11.55
C THR A 194 9.59 18.41 11.61
N ASP A 195 9.53 17.86 12.83
CA ASP A 195 9.45 16.42 13.06
C ASP A 195 10.76 15.70 12.75
N PHE A 196 11.90 16.35 12.97
CA PHE A 196 13.18 15.72 12.72
C PHE A 196 13.51 14.70 13.81
N GLY A 197 13.96 13.52 13.40
CA GLY A 197 14.40 12.50 14.31
C GLY A 197 13.31 11.66 14.97
N LEU A 198 12.04 12.02 14.81
CA LEU A 198 10.98 11.22 15.43
C LEU A 198 10.95 9.81 14.87
N PHE A 199 11.33 9.64 13.61
CA PHE A 199 11.13 8.36 12.93
C PHE A 199 11.88 7.22 13.62
N SER A 200 12.97 7.53 14.33
CA SER A 200 13.73 6.50 15.02
C SER A 200 12.88 5.83 16.09
N ILE A 201 12.13 6.61 16.86
CA ILE A 201 11.31 6.12 17.95
C ILE A 201 9.86 5.90 17.53
N SER A 202 9.58 5.95 16.23
CA SER A 202 8.21 6.20 15.77
C SER A 202 7.35 4.95 15.95
N GLY A 203 7.69 3.87 15.27
CA GLY A 203 6.81 2.72 15.27
C GLY A 203 5.67 2.82 14.29
N VAL A 204 5.84 3.59 13.21
CA VAL A 204 4.80 3.70 12.20
C VAL A 204 4.62 2.48 11.32
N LEU A 205 5.44 1.43 11.48
CA LEU A 205 5.33 0.20 10.73
C LEU A 205 4.69 -0.95 11.51
N GLN A 206 4.72 -0.88 12.84
CA GLN A 206 4.07 -1.86 13.69
C GLN A 206 4.54 -3.29 13.43
N ARG A 210 -0.09 -6.06 9.81
CA ARG A 210 -0.55 -7.40 9.45
C ARG A 210 0.57 -8.43 9.60
N GLU A 211 0.19 -9.69 9.59
CA GLU A 211 1.18 -10.77 9.71
C GLU A 211 1.94 -10.91 8.40
N ASP A 212 3.27 -10.75 8.49
CA ASP A 212 4.17 -10.86 7.33
C ASP A 212 3.76 -9.90 6.22
N LYS A 213 3.39 -8.68 6.61
CA LYS A 213 2.92 -7.68 5.65
C LYS A 213 3.23 -6.30 6.21
N LEU A 214 4.10 -5.56 5.53
CA LEU A 214 4.55 -4.26 6.00
C LEU A 214 3.64 -3.16 5.46
N ARG A 215 3.33 -2.19 6.32
CA ARG A 215 2.41 -1.11 5.98
C ARG A 215 3.17 0.01 5.28
N ILE A 216 2.73 0.37 4.07
CA ILE A 216 3.31 1.47 3.31
C ILE A 216 2.21 2.51 3.11
N GLN A 217 2.48 3.75 3.51
CA GLN A 217 1.59 4.84 3.14
C GLN A 217 2.06 5.47 1.83
N ASN A 218 1.16 6.22 1.20
CA ASN A 218 1.31 6.57 -0.21
C ASN A 218 2.61 7.30 -0.48
N GLY A 219 2.88 8.37 0.28
CA GLY A 219 4.04 9.17 -0.05
C GLY A 219 5.36 8.75 0.54
N TRP A 220 5.41 7.65 1.29
CA TRP A 220 6.62 7.32 2.03
C TRP A 220 7.71 6.78 1.10
N LEU A 221 7.35 5.88 0.18
CA LEU A 221 8.35 5.15 -0.58
C LEU A 221 9.16 6.08 -1.49
N CYS A 222 8.52 7.10 -2.05
CA CYS A 222 9.21 7.93 -3.03
C CYS A 222 10.23 8.87 -2.40
N HIS A 223 10.28 8.94 -1.07
CA HIS A 223 11.29 9.72 -0.37
C HIS A 223 12.49 8.90 0.07
N LEU A 224 12.42 7.58 -0.04
CA LEU A 224 13.46 6.69 0.46
C LEU A 224 14.53 6.48 -0.61
N ALA A 225 15.79 6.66 -0.22
CA ALA A 225 16.90 6.41 -1.13
C ALA A 225 16.96 4.92 -1.49
N PRO A 226 17.60 4.58 -2.62
CA PRO A 226 17.62 3.18 -3.05
C PRO A 226 18.24 2.22 -2.05
N GLU A 227 19.27 2.64 -1.30
CA GLU A 227 19.86 1.75 -0.32
C GLU A 227 18.86 1.37 0.77
N ILE A 228 17.91 2.26 1.07
CA ILE A 228 16.89 1.96 2.07
C ILE A 228 15.79 1.11 1.45
N ILE A 229 15.40 1.43 0.21
CA ILE A 229 14.31 0.72 -0.45
C ILE A 229 14.65 -0.77 -0.56
N ARG A 230 15.91 -1.09 -0.88
CA ARG A 230 16.34 -2.47 -1.00
C ARG A 230 16.33 -3.21 0.33
N GLN A 231 16.22 -2.50 1.46
CA GLN A 231 16.22 -3.13 2.77
C GLN A 231 14.82 -3.45 3.29
N LEU A 232 13.79 -2.85 2.71
CA LEU A 232 12.44 -2.97 3.26
C LEU A 232 12.00 -4.44 3.29
N SER A 233 11.40 -4.83 4.40
CA SER A 233 10.98 -6.20 4.66
C SER A 233 9.80 -6.17 5.61
N PRO A 234 8.96 -7.20 5.61
CA PRO A 234 7.78 -7.18 6.50
C PRO A 234 8.12 -7.11 7.98
N ASP A 235 9.34 -7.44 8.39
CA ASP A 235 9.75 -7.29 9.78
C ASP A 235 10.97 -6.36 9.91
N THR A 236 11.04 -5.35 9.05
CA THR A 236 12.03 -4.29 9.22
C THR A 236 11.48 -3.24 10.19
N GLU A 237 12.39 -2.62 10.94
CA GLU A 237 12.00 -1.63 11.93
C GLU A 237 12.76 -0.33 11.72
N GLU A 238 12.13 0.77 12.13
CA GLU A 238 12.65 2.11 11.86
C GLU A 238 13.95 2.38 12.59
N ASP A 239 14.13 1.79 13.77
CA ASP A 239 15.37 2.02 14.52
C ASP A 239 16.58 1.41 13.82
N LYS A 240 16.39 0.35 13.04
CA LYS A 240 17.50 -0.30 12.37
C LYS A 240 17.42 -0.16 10.85
N LEU A 241 17.17 1.05 10.36
CA LEU A 241 17.23 1.27 8.94
C LEU A 241 18.43 2.15 8.60
N PRO A 242 19.15 1.85 7.52
CA PRO A 242 20.39 2.58 7.22
C PRO A 242 20.18 4.01 6.75
N PHE A 243 19.70 4.88 7.64
CA PHE A 243 19.60 6.29 7.32
C PHE A 243 20.96 6.96 7.39
N SER A 244 21.11 8.05 6.64
CA SER A 244 22.37 8.79 6.61
C SER A 244 22.08 10.20 6.14
N LYS A 245 23.14 11.01 6.06
CA LYS A 245 22.99 12.34 5.48
C LYS A 245 22.63 12.27 4.01
N HIS A 246 23.10 11.23 3.32
CA HIS A 246 22.77 11.07 1.90
C HIS A 246 21.29 10.76 1.72
N SER A 247 20.72 9.96 2.63
CA SER A 247 19.29 9.67 2.54
C SER A 247 18.44 10.92 2.74
N ASP A 248 18.90 11.85 3.58
CA ASP A 248 18.17 13.09 3.75
C ASP A 248 18.27 13.98 2.52
N VAL A 249 19.41 13.94 1.83
CA VAL A 249 19.56 14.68 0.58
C VAL A 249 18.65 14.10 -0.49
N PHE A 250 18.51 12.77 -0.51
CA PHE A 250 17.57 12.14 -1.42
C PHE A 250 16.14 12.61 -1.15
N ALA A 251 15.77 12.71 0.13
CA ALA A 251 14.42 13.16 0.48
C ALA A 251 14.18 14.58 0.03
N LEU A 252 15.21 15.43 0.08
CA LEU A 252 15.03 16.80 -0.40
C LEU A 252 14.89 16.83 -1.91
N GLY A 253 15.59 15.93 -2.61
CA GLY A 253 15.40 15.83 -4.05
C GLY A 253 13.98 15.50 -4.41
N THR A 254 13.33 14.64 -3.62
CA THR A 254 11.92 14.34 -3.83
C THR A 254 11.06 15.60 -3.65
N ILE A 255 11.38 16.41 -2.66
CA ILE A 255 10.63 17.66 -2.45
C ILE A 255 10.87 18.61 -3.63
N TRP A 256 12.08 18.62 -4.18
CA TRP A 256 12.37 19.49 -5.31
C TRP A 256 11.53 19.10 -6.52
N TYR A 257 11.38 17.80 -6.77
CA TYR A 257 10.44 17.35 -7.79
C TYR A 257 9.02 17.80 -7.45
N GLU A 258 8.64 17.65 -6.18
CA GLU A 258 7.27 17.98 -5.77
C GLU A 258 6.98 19.47 -5.93
N LEU A 259 7.99 20.32 -5.76
CA LEU A 259 7.76 21.75 -5.85
C LEU A 259 7.37 22.17 -7.26
N HIS A 260 7.91 21.51 -8.27
CA HIS A 260 7.68 21.87 -9.66
C HIS A 260 6.57 21.06 -10.30
N ALA A 261 6.48 19.76 -10.02
CA ALA A 261 5.40 18.96 -10.55
C ALA A 261 4.10 19.12 -9.77
N ARG A 262 4.17 19.68 -8.56
CA ARG A 262 3.01 19.87 -7.69
C ARG A 262 2.33 18.54 -7.37
N GLU A 263 3.11 17.47 -7.32
CA GLU A 263 2.66 16.13 -6.98
C GLU A 263 3.89 15.27 -6.76
N TRP A 264 3.70 14.17 -6.02
CA TRP A 264 4.79 13.25 -5.74
C TRP A 264 5.21 12.52 -7.01
N PRO A 265 6.46 12.06 -7.08
CA PRO A 265 6.83 11.13 -8.15
C PRO A 265 6.18 9.78 -7.93
N PHE A 266 6.04 9.04 -9.03
CA PHE A 266 5.40 7.72 -9.02
C PHE A 266 3.97 7.81 -8.49
N LYS A 267 3.29 8.89 -8.86
CA LYS A 267 1.92 9.11 -8.36
C LYS A 267 0.97 8.04 -8.88
N THR A 268 1.16 7.59 -10.11
CA THR A 268 0.23 6.64 -10.72
C THR A 268 0.40 5.22 -10.19
N GLN A 269 1.62 4.82 -9.87
CA GLN A 269 1.92 3.41 -9.75
C GLN A 269 1.74 2.89 -8.32
N PRO A 270 1.46 1.58 -8.16
CA PRO A 270 1.31 1.00 -6.82
C PRO A 270 2.64 0.85 -6.09
N ALA A 271 2.58 0.35 -4.85
CA ALA A 271 3.75 0.35 -3.99
C ALA A 271 4.81 -0.64 -4.48
N GLU A 272 4.39 -1.83 -4.91
CA GLU A 272 5.36 -2.84 -5.30
C GLU A 272 6.17 -2.39 -6.51
N ALA A 273 5.51 -1.74 -7.48
CA ALA A 273 6.24 -1.23 -8.63
C ALA A 273 7.21 -0.13 -8.22
N ILE A 274 6.82 0.69 -7.24
CA ILE A 274 7.71 1.75 -6.77
C ILE A 274 8.95 1.15 -6.12
N ILE A 275 8.77 0.06 -5.36
CA ILE A 275 9.91 -0.55 -4.67
C ILE A 275 10.93 -1.05 -5.68
N TRP A 276 10.47 -1.74 -6.72
CA TRP A 276 11.41 -2.32 -7.69
C TRP A 276 12.06 -1.23 -8.54
N GLN A 277 11.27 -0.27 -9.02
CA GLN A 277 11.81 0.75 -9.91
C GLN A 277 12.85 1.61 -9.20
N MET A 278 12.56 2.01 -7.96
CA MET A 278 13.51 2.82 -7.21
C MET A 278 14.73 2.00 -6.79
N GLY A 279 14.56 0.70 -6.57
CA GLY A 279 15.69 -0.12 -6.18
C GLY A 279 16.70 -0.28 -7.30
N THR A 280 16.23 -0.47 -8.53
CA THR A 280 17.13 -0.60 -9.67
C THR A 280 17.63 0.74 -10.19
N GLY A 281 17.13 1.85 -9.65
CA GLY A 281 17.68 3.15 -9.96
C GLY A 281 16.95 3.95 -11.01
N MET A 282 15.70 3.61 -11.31
CA MET A 282 14.94 4.37 -12.30
C MET A 282 14.29 5.57 -11.63
N LYS A 283 14.50 6.75 -12.21
CA LYS A 283 13.99 8.00 -11.65
C LYS A 283 13.41 8.89 -12.74
N PRO A 284 12.38 9.66 -12.43
CA PRO A 284 11.76 10.55 -13.42
C PRO A 284 12.59 11.82 -13.62
N ASN A 285 12.11 12.67 -14.53
CA ASN A 285 12.71 13.97 -14.79
C ASN A 285 11.58 14.98 -14.92
N LEU A 286 11.95 16.25 -15.13
CA LEU A 286 10.98 17.33 -15.17
C LEU A 286 10.83 17.95 -16.57
N SER A 287 11.33 17.27 -17.61
CA SER A 287 11.21 17.82 -18.95
C SER A 287 9.80 17.67 -19.53
N GLN A 288 9.01 16.70 -19.05
CA GLN A 288 7.67 16.52 -19.58
C GLN A 288 6.75 17.71 -19.25
N ILE A 289 7.14 18.54 -18.29
CA ILE A 289 6.44 19.78 -17.98
C ILE A 289 7.24 21.00 -18.44
N GLY A 290 8.35 20.79 -19.14
CA GLY A 290 9.06 21.90 -19.76
C GLY A 290 10.02 22.63 -18.86
N MET A 291 10.68 21.94 -17.93
CA MET A 291 11.64 22.57 -17.04
C MET A 291 13.04 22.42 -17.62
N GLY A 292 13.85 23.46 -17.46
CA GLY A 292 15.17 23.47 -18.06
C GLY A 292 16.12 22.47 -17.44
N LYS A 293 17.32 22.41 -18.02
CA LYS A 293 18.32 21.47 -17.54
C LYS A 293 18.81 21.86 -16.14
N GLU A 294 18.91 23.16 -15.86
CA GLU A 294 19.37 23.62 -14.56
C GLU A 294 18.52 23.04 -13.43
N ILE A 295 17.19 23.05 -13.61
CA ILE A 295 16.29 22.53 -12.59
C ILE A 295 16.27 21.01 -12.57
N SER A 296 16.60 20.36 -13.69
CA SER A 296 16.66 18.90 -13.71
C SER A 296 17.99 18.35 -13.19
N ASP A 297 19.08 19.12 -13.29
CA ASP A 297 20.33 18.67 -12.72
C ASP A 297 20.22 18.52 -11.21
N ILE A 298 19.37 19.32 -10.56
CA ILE A 298 19.17 19.19 -9.12
C ILE A 298 18.74 17.78 -8.77
N LEU A 299 17.76 17.25 -9.51
CA LEU A 299 17.30 15.89 -9.26
C LEU A 299 18.38 14.87 -9.55
N LEU A 300 19.10 15.04 -10.67
CA LEU A 300 20.10 14.05 -11.06
C LEU A 300 21.20 13.93 -10.01
N PHE A 301 21.52 15.04 -9.34
CA PHE A 301 22.53 14.98 -8.28
C PHE A 301 21.96 14.44 -6.98
N CYS A 302 20.77 14.92 -6.59
CA CYS A 302 20.18 14.50 -5.31
C CYS A 302 19.73 13.05 -5.35
N TRP A 303 19.18 12.60 -6.48
CA TRP A 303 18.67 11.25 -6.63
C TRP A 303 19.73 10.26 -7.13
N ALA A 304 21.01 10.64 -7.06
CA ALA A 304 22.07 9.76 -7.54
C ALA A 304 22.00 8.39 -6.88
N PHE A 305 22.21 7.34 -7.68
CA PHE A 305 22.06 5.98 -7.16
C PHE A 305 23.13 5.66 -6.13
N GLU A 306 24.37 6.06 -6.40
CA GLU A 306 25.45 5.83 -5.43
C GLU A 306 25.44 6.94 -4.40
N GLN A 307 25.54 6.56 -3.12
CA GLN A 307 25.45 7.52 -2.02
C GLN A 307 26.49 8.62 -2.16
N GLU A 308 27.74 8.23 -2.44
CA GLU A 308 28.85 9.18 -2.44
C GLU A 308 28.73 10.23 -3.53
N GLU A 309 27.88 10.00 -4.53
CA GLU A 309 27.69 11.00 -5.58
C GLU A 309 26.69 12.07 -5.21
N ARG A 310 25.97 11.92 -4.09
CA ARG A 310 25.01 12.94 -3.70
C ARG A 310 25.73 14.07 -2.97
N PRO A 311 25.39 15.32 -3.27
CA PRO A 311 26.08 16.45 -2.64
C PRO A 311 25.68 16.62 -1.18
N THR A 312 26.50 17.37 -0.47
CA THR A 312 26.12 17.84 0.86
C THR A 312 25.15 19.01 0.73
N PHE A 313 24.55 19.39 1.85
CA PHE A 313 23.58 20.48 1.81
C PHE A 313 24.24 21.82 1.55
N THR A 314 25.47 22.01 2.01
CA THR A 314 26.20 23.24 1.68
C THR A 314 26.48 23.32 0.19
N LYS A 315 26.93 22.21 -0.41
CA LYS A 315 27.14 22.18 -1.86
C LYS A 315 25.81 22.34 -2.60
N LEU A 316 24.74 21.76 -2.05
CA LEU A 316 23.43 21.92 -2.68
C LEU A 316 22.98 23.37 -2.63
N MET A 317 23.27 24.06 -1.52
CA MET A 317 22.96 25.48 -1.44
C MET A 317 23.70 26.27 -2.50
N ASP A 318 24.94 25.89 -2.79
CA ASP A 318 25.70 26.50 -3.89
C ASP A 318 25.00 26.28 -5.22
N MET A 319 24.56 25.04 -5.46
CA MET A 319 23.95 24.72 -6.74
C MET A 319 22.64 25.48 -6.95
N LEU A 320 21.86 25.65 -5.89
CA LEU A 320 20.57 26.33 -6.00
C LEU A 320 20.74 27.83 -6.19
N GLU A 321 21.86 28.39 -5.71
CA GLU A 321 22.13 29.81 -5.90
C GLU A 321 22.33 30.18 -7.36
N LYS A 322 22.75 29.22 -8.18
CA LYS A 322 23.16 29.49 -9.56
C LYS A 322 22.05 29.22 -10.57
N LEU A 323 20.81 29.08 -10.11
CA LEU A 323 19.70 28.92 -11.05
C LEU A 323 19.30 30.28 -11.63
N PRO A 324 18.74 30.30 -12.84
CA PRO A 324 18.21 31.55 -13.41
C PRO A 324 16.99 32.09 -12.65
N ASP B 34 -25.21 -22.51 -18.71
CA ASP B 34 -26.04 -23.59 -18.19
C ASP B 34 -27.42 -23.05 -17.82
N GLU B 35 -28.44 -23.89 -18.04
CA GLU B 35 -29.79 -23.52 -17.65
C GLU B 35 -29.90 -23.29 -16.15
N GLN B 36 -29.25 -24.16 -15.36
CA GLN B 36 -29.27 -24.00 -13.91
C GLN B 36 -28.70 -22.67 -13.46
N GLN B 37 -27.58 -22.25 -14.07
CA GLN B 37 -26.94 -21.00 -13.67
C GLN B 37 -27.87 -19.81 -13.86
N ARG B 38 -28.70 -19.83 -14.90
CA ARG B 38 -29.65 -18.75 -15.11
C ARG B 38 -30.68 -18.70 -13.98
N LYS B 39 -31.10 -19.88 -13.50
CA LYS B 39 -32.10 -19.92 -12.43
C LYS B 39 -31.59 -19.27 -11.16
N ARG B 40 -30.42 -19.70 -10.68
CA ARG B 40 -29.88 -19.15 -9.45
C ARG B 40 -29.51 -17.68 -9.60
N LEU B 41 -29.15 -17.26 -10.81
CA LEU B 41 -28.93 -15.84 -11.07
C LEU B 41 -30.24 -15.07 -10.92
N GLU B 42 -31.31 -15.56 -11.55
CA GLU B 42 -32.61 -14.90 -11.42
C GLU B 42 -33.12 -14.96 -9.98
N ALA B 43 -32.87 -16.07 -9.29
CA ALA B 43 -33.24 -16.17 -7.89
C ALA B 43 -32.41 -15.23 -7.02
N PHE B 44 -31.21 -14.87 -7.49
CA PHE B 44 -30.43 -13.85 -6.79
C PHE B 44 -31.09 -12.48 -6.95
N LEU B 45 -31.69 -12.21 -8.11
CA LEU B 45 -32.36 -10.94 -8.34
C LEU B 45 -33.77 -10.89 -7.74
N THR B 46 -34.32 -12.02 -7.29
CA THR B 46 -35.55 -11.93 -6.50
C THR B 46 -35.23 -11.56 -5.06
N GLN B 47 -34.00 -11.79 -4.60
CA GLN B 47 -33.52 -11.30 -3.32
C GLN B 47 -33.01 -9.86 -3.41
N LYS B 48 -32.98 -9.27 -4.61
CA LYS B 48 -32.33 -7.98 -4.79
C LYS B 48 -33.16 -6.84 -4.20
N GLN B 49 -34.48 -6.87 -4.40
CA GLN B 49 -35.33 -5.78 -3.94
C GLN B 49 -35.85 -5.99 -2.53
N LYS B 50 -35.53 -7.12 -1.90
CA LYS B 50 -35.95 -7.35 -0.52
C LYS B 50 -35.29 -6.36 0.44
N VAL B 51 -34.27 -5.64 -0.01
CA VAL B 51 -33.80 -4.41 0.62
C VAL B 51 -33.75 -3.34 -0.46
N GLY B 52 -33.84 -2.07 -0.02
CA GLY B 52 -33.68 -0.96 -0.93
C GLY B 52 -32.42 -0.18 -0.66
N GLU B 53 -32.21 0.19 0.60
CA GLU B 53 -31.04 0.94 1.03
C GLU B 53 -30.45 0.29 2.28
N LEU B 54 -29.16 0.54 2.49
CA LEU B 54 -28.40 -0.14 3.54
C LEU B 54 -27.67 0.89 4.39
N LYS B 55 -27.77 0.74 5.71
CA LYS B 55 -27.03 1.58 6.65
C LYS B 55 -26.62 0.73 7.85
N ASP B 56 -25.87 1.34 8.76
CA ASP B 56 -25.13 0.57 9.78
C ASP B 56 -26.06 -0.23 10.68
N ASP B 57 -27.11 0.41 11.21
CA ASP B 57 -27.96 -0.24 12.20
C ASP B 57 -28.74 -1.42 11.65
N ASP B 58 -28.68 -1.68 10.35
CA ASP B 58 -29.36 -2.85 9.78
C ASP B 58 -28.62 -4.15 10.08
N PHE B 59 -27.35 -4.08 10.47
CA PHE B 59 -26.48 -5.24 10.51
C PHE B 59 -26.10 -5.60 11.94
N GLU B 60 -26.00 -6.90 12.22
CA GLU B 60 -25.47 -7.43 13.45
C GLU B 60 -24.29 -8.33 13.13
N LYS B 61 -23.16 -8.09 13.80
CA LYS B 61 -21.95 -8.87 13.53
C LYS B 61 -22.16 -10.34 13.90
N ILE B 62 -22.00 -11.22 12.92
CA ILE B 62 -22.14 -12.65 13.14
C ILE B 62 -20.76 -13.23 13.48
N SER B 63 -19.79 -13.02 12.58
CA SER B 63 -18.45 -13.53 12.82
C SER B 63 -17.45 -12.78 11.94
N GLU B 64 -16.17 -13.01 12.22
CA GLU B 64 -15.06 -12.45 11.47
C GLU B 64 -14.52 -13.49 10.51
N LEU B 65 -14.27 -13.07 9.27
CA LEU B 65 -13.75 -13.99 8.26
C LEU B 65 -12.23 -13.84 8.12
N VAL B 72 -11.49 -4.83 6.55
CA VAL B 72 -11.79 -6.11 7.18
C VAL B 72 -13.22 -6.52 6.86
N VAL B 73 -13.42 -7.79 6.50
CA VAL B 73 -14.72 -8.31 6.10
C VAL B 73 -15.36 -9.01 7.29
N PHE B 74 -16.69 -8.95 7.34
CA PHE B 74 -17.47 -9.55 8.41
C PHE B 74 -18.69 -10.24 7.84
N LYS B 75 -19.04 -11.38 8.43
CA LYS B 75 -20.33 -12.00 8.17
C LYS B 75 -21.37 -11.30 9.05
N VAL B 76 -22.42 -10.79 8.43
CA VAL B 76 -23.41 -9.97 9.14
C VAL B 76 -24.80 -10.53 8.88
N SER B 77 -25.70 -10.28 9.82
CA SER B 77 -27.11 -10.64 9.71
C SER B 77 -27.92 -9.38 9.44
N HIS B 78 -28.60 -9.35 8.30
CA HIS B 78 -29.47 -8.24 7.95
C HIS B 78 -30.85 -8.49 8.56
N LYS B 79 -31.50 -7.42 9.02
CA LYS B 79 -32.76 -7.56 9.71
C LYS B 79 -33.95 -7.00 8.93
N PRO B 80 -33.81 -5.87 8.22
CA PRO B 80 -34.85 -5.50 7.25
C PRO B 80 -35.10 -6.57 6.21
N SER B 81 -34.18 -7.53 6.07
CA SER B 81 -34.32 -8.65 5.15
C SER B 81 -33.51 -9.82 5.66
N GLY B 82 -34.06 -11.03 5.54
CA GLY B 82 -33.46 -12.20 6.16
C GLY B 82 -32.15 -12.66 5.58
N LEU B 83 -31.62 -11.95 4.57
CA LEU B 83 -30.35 -12.35 3.97
C LEU B 83 -29.21 -12.23 4.97
N VAL B 84 -28.35 -13.24 4.98
CA VAL B 84 -27.06 -13.19 5.66
C VAL B 84 -26.01 -12.77 4.65
N MET B 85 -25.28 -11.69 4.96
CA MET B 85 -24.45 -11.02 3.98
C MET B 85 -23.01 -10.95 4.45
N ALA B 86 -22.14 -10.57 3.51
CA ALA B 86 -20.73 -10.31 3.79
C ALA B 86 -20.49 -8.81 3.64
N ARG B 87 -20.06 -8.17 4.72
CA ARG B 87 -19.89 -6.71 4.76
C ARG B 87 -18.41 -6.41 4.96
N LYS B 88 -17.80 -5.79 3.95
CA LYS B 88 -16.39 -5.39 4.00
C LYS B 88 -16.32 -3.89 4.20
N LEU B 89 -15.49 -3.46 5.16
CA LEU B 89 -15.36 -2.05 5.50
C LEU B 89 -13.94 -1.59 5.20
N ILE B 90 -13.83 -0.48 4.46
CA ILE B 90 -12.55 0.11 4.09
C ILE B 90 -12.45 1.47 4.78
N HIS B 91 -11.40 1.66 5.57
CA HIS B 91 -11.25 2.88 6.36
C HIS B 91 -10.64 3.99 5.52
N LEU B 92 -11.38 5.08 5.34
CA LEU B 92 -10.92 6.26 4.64
C LEU B 92 -11.33 7.51 5.40
N GLU B 93 -10.39 8.42 5.60
CA GLU B 93 -10.68 9.73 6.18
C GLU B 93 -10.50 10.75 5.03
N ILE B 94 -11.62 11.19 4.47
CA ILE B 94 -11.58 11.98 3.25
C ILE B 94 -12.91 12.70 3.07
N LYS B 95 -12.90 13.73 2.20
CA LYS B 95 -14.02 14.66 2.15
C LYS B 95 -15.23 14.05 1.45
N PRO B 96 -16.44 14.54 1.73
CA PRO B 96 -17.65 13.94 1.15
C PRO B 96 -17.69 13.88 -0.36
N ALA B 97 -17.16 14.91 -1.05
CA ALA B 97 -17.34 15.02 -2.48
C ALA B 97 -16.76 13.83 -3.22
N ILE B 98 -15.57 13.37 -2.83
CA ILE B 98 -14.95 12.26 -3.51
C ILE B 98 -15.65 10.95 -3.15
N ARG B 99 -16.16 10.84 -1.92
CA ARG B 99 -16.90 9.64 -1.55
C ARG B 99 -18.16 9.50 -2.38
N ASN B 100 -18.85 10.62 -2.64
CA ASN B 100 -19.96 10.61 -3.58
C ASN B 100 -19.52 10.06 -4.93
N GLN B 101 -18.33 10.47 -5.38
CA GLN B 101 -17.76 9.90 -6.61
C GLN B 101 -17.47 8.42 -6.44
N ILE B 102 -17.03 8.01 -5.25
CA ILE B 102 -16.75 6.59 -5.01
C ILE B 102 -18.02 5.77 -5.11
N ILE B 103 -19.11 6.26 -4.54
CA ILE B 103 -20.36 5.50 -4.53
C ILE B 103 -20.91 5.34 -5.94
N ARG B 104 -20.86 6.42 -6.75
CA ARG B 104 -21.31 6.31 -8.14
C ARG B 104 -20.52 5.24 -8.89
N GLU B 105 -19.20 5.20 -8.69
CA GLU B 105 -18.38 4.20 -9.36
C GLU B 105 -18.68 2.80 -8.84
N LEU B 106 -19.05 2.68 -7.57
CA LEU B 106 -19.34 1.37 -6.99
C LEU B 106 -20.74 0.87 -7.33
N GLN B 107 -21.65 1.77 -7.73
CA GLN B 107 -23.02 1.34 -8.03
C GLN B 107 -23.10 0.50 -9.29
N VAL B 108 -22.08 0.54 -10.15
CA VAL B 108 -22.11 -0.25 -11.38
C VAL B 108 -22.04 -1.75 -11.07
N LEU B 109 -21.63 -2.13 -9.86
CA LEU B 109 -21.63 -3.54 -9.49
C LEU B 109 -23.04 -4.11 -9.41
N HIS B 110 -24.05 -3.25 -9.23
CA HIS B 110 -25.43 -3.70 -9.36
C HIS B 110 -25.76 -4.17 -10.77
N GLU B 111 -25.03 -3.67 -11.77
CA GLU B 111 -25.29 -4.00 -13.17
C GLU B 111 -24.62 -5.30 -13.60
N CYS B 112 -23.39 -5.53 -13.15
CA CYS B 112 -22.66 -6.74 -13.56
C CYS B 112 -23.14 -7.93 -12.73
N ASN B 113 -23.55 -8.98 -13.42
CA ASN B 113 -23.99 -10.23 -12.79
C ASN B 113 -23.51 -11.39 -13.64
N SER B 114 -22.92 -12.40 -13.00
CA SER B 114 -22.39 -13.56 -13.70
C SER B 114 -22.26 -14.70 -12.72
N PRO B 115 -22.38 -15.95 -13.17
CA PRO B 115 -22.15 -17.09 -12.26
C PRO B 115 -20.71 -17.24 -11.82
N TYR B 116 -19.78 -16.47 -12.39
CA TYR B 116 -18.37 -16.58 -12.06
C TYR B 116 -17.83 -15.36 -11.33
N ILE B 117 -18.67 -14.37 -11.02
CA ILE B 117 -18.29 -13.24 -10.19
C ILE B 117 -19.33 -13.09 -9.08
N VAL B 118 -18.86 -12.75 -7.88
CA VAL B 118 -19.75 -12.74 -6.71
C VAL B 118 -20.71 -11.55 -6.81
N GLY B 119 -21.93 -11.76 -6.32
CA GLY B 119 -22.97 -10.75 -6.44
C GLY B 119 -22.80 -9.61 -5.45
N PHE B 120 -23.44 -8.50 -5.79
CA PHE B 120 -23.26 -7.24 -5.07
C PHE B 120 -24.62 -6.70 -4.65
N TYR B 121 -24.72 -6.31 -3.37
CA TYR B 121 -25.96 -5.80 -2.79
C TYR B 121 -26.04 -4.29 -2.79
N GLY B 122 -25.03 -3.61 -2.26
CA GLY B 122 -25.05 -2.16 -2.19
C GLY B 122 -23.80 -1.67 -1.49
N ALA B 123 -23.58 -0.36 -1.59
CA ALA B 123 -22.42 0.28 -0.99
C ALA B 123 -22.86 1.60 -0.36
N PHE B 124 -22.61 1.75 0.93
CA PHE B 124 -22.93 2.97 1.67
C PHE B 124 -21.71 3.41 2.49
N TYR B 125 -21.80 4.61 3.04
CA TYR B 125 -20.74 5.20 3.85
C TYR B 125 -21.27 5.49 5.25
N SER B 126 -20.44 5.28 6.26
CA SER B 126 -20.86 5.49 7.64
C SER B 126 -19.63 5.52 8.52
N ASP B 127 -19.41 6.65 9.19
CA ASP B 127 -18.46 6.75 10.31
C ASP B 127 -17.02 6.48 9.86
N GLY B 128 -16.64 7.08 8.73
CA GLY B 128 -15.27 6.99 8.28
C GLY B 128 -14.89 5.70 7.58
N GLU B 129 -15.81 4.76 7.41
CA GLU B 129 -15.55 3.56 6.64
C GLU B 129 -16.65 3.38 5.60
N ILE B 130 -16.23 3.07 4.37
CA ILE B 130 -17.17 2.75 3.30
C ILE B 130 -17.37 1.24 3.27
N SER B 131 -18.60 0.81 3.06
CA SER B 131 -18.99 -0.59 3.15
C SER B 131 -19.36 -1.12 1.78
N ILE B 132 -18.89 -2.33 1.48
CA ILE B 132 -19.26 -3.04 0.25
C ILE B 132 -19.94 -4.33 0.66
N CYS B 133 -21.21 -4.49 0.26
CA CYS B 133 -22.03 -5.63 0.63
C CYS B 133 -22.12 -6.60 -0.53
N MET B 134 -21.83 -7.87 -0.27
CA MET B 134 -21.72 -8.89 -1.29
C MET B 134 -22.28 -10.20 -0.76
N GLU B 135 -22.33 -11.21 -1.64
CA GLU B 135 -22.73 -12.54 -1.20
C GLU B 135 -21.75 -13.07 -0.16
N HIS B 136 -22.30 -13.79 0.82
CA HIS B 136 -21.47 -14.59 1.72
C HIS B 136 -21.31 -15.98 1.11
N MET B 137 -20.06 -16.39 0.89
CA MET B 137 -19.75 -17.71 0.32
C MET B 137 -19.13 -18.55 1.43
N ASP B 138 -19.85 -19.58 1.87
CA ASP B 138 -19.51 -20.33 3.07
C ASP B 138 -18.21 -21.12 2.96
N GLY B 139 -17.59 -21.17 1.78
CA GLY B 139 -16.36 -21.90 1.60
C GLY B 139 -15.11 -21.09 1.83
N GLY B 140 -15.25 -19.75 1.81
CA GLY B 140 -14.10 -18.90 2.00
C GLY B 140 -13.30 -18.72 0.72
N SER B 141 -12.07 -18.25 0.90
CA SER B 141 -11.16 -18.04 -0.21
C SER B 141 -10.30 -19.27 -0.44
N LEU B 142 -9.69 -19.33 -1.62
CA LEU B 142 -8.88 -20.49 -1.99
C LEU B 142 -7.58 -20.58 -1.21
N ASP B 143 -7.13 -19.48 -0.60
CA ASP B 143 -5.89 -19.52 0.16
C ASP B 143 -6.07 -20.26 1.48
N GLN B 144 -7.21 -20.06 2.13
CA GLN B 144 -7.46 -20.73 3.40
C GLN B 144 -7.95 -22.15 3.23
N VAL B 145 -8.53 -22.50 2.08
CA VAL B 145 -8.84 -23.91 1.83
C VAL B 145 -7.57 -24.66 1.45
N LEU B 146 -6.61 -23.98 0.81
CA LEU B 146 -5.30 -24.59 0.60
C LEU B 146 -4.55 -24.73 1.91
N LYS B 147 -4.73 -23.79 2.83
CA LYS B 147 -4.19 -23.95 4.18
C LYS B 147 -4.81 -25.14 4.89
N LYS B 148 -6.09 -25.40 4.63
CA LYS B 148 -6.76 -26.55 5.24
C LYS B 148 -6.27 -27.86 4.63
N ALA B 149 -6.34 -27.98 3.31
CA ALA B 149 -5.84 -29.16 2.63
C ALA B 149 -4.31 -29.15 2.60
N GLY B 150 -3.74 -30.24 2.10
CA GLY B 150 -2.32 -30.27 1.86
C GLY B 150 -1.98 -29.56 0.57
N ARG B 151 -2.42 -30.16 -0.54
CA ARG B 151 -2.34 -29.56 -1.85
C ARG B 151 -3.67 -29.81 -2.57
N ILE B 152 -3.97 -28.95 -3.53
CA ILE B 152 -5.23 -29.02 -4.27
C ILE B 152 -4.99 -29.86 -5.52
N PRO B 153 -5.77 -30.92 -5.75
CA PRO B 153 -5.52 -31.79 -6.91
C PRO B 153 -5.76 -31.08 -8.24
N GLU B 154 -5.23 -31.70 -9.29
CA GLU B 154 -5.24 -31.10 -10.62
C GLU B 154 -6.65 -30.93 -11.15
N GLN B 155 -7.53 -31.91 -10.87
CA GLN B 155 -8.87 -31.90 -11.46
C GLN B 155 -9.70 -30.73 -10.94
N ILE B 156 -9.59 -30.42 -9.65
CA ILE B 156 -10.28 -29.26 -9.11
C ILE B 156 -9.72 -27.98 -9.70
N LEU B 157 -8.39 -27.90 -9.81
CA LEU B 157 -7.77 -26.68 -10.34
C LEU B 157 -8.15 -26.44 -11.80
N GLY B 158 -8.52 -27.51 -12.51
CA GLY B 158 -9.00 -27.35 -13.87
C GLY B 158 -10.30 -26.56 -13.93
N LYS B 159 -11.28 -26.96 -13.12
CA LYS B 159 -12.54 -26.22 -13.04
C LYS B 159 -12.31 -24.81 -12.54
N VAL B 160 -11.36 -24.63 -11.61
CA VAL B 160 -11.02 -23.30 -11.13
C VAL B 160 -10.51 -22.44 -12.28
N SER B 161 -9.65 -23.02 -13.12
CA SER B 161 -9.11 -22.28 -14.26
C SER B 161 -10.21 -21.84 -15.20
N ILE B 162 -11.16 -22.74 -15.51
CA ILE B 162 -12.22 -22.43 -16.45
C ILE B 162 -13.04 -21.25 -15.95
N ALA B 163 -13.41 -21.27 -14.67
CA ALA B 163 -14.26 -20.22 -14.14
C ALA B 163 -13.52 -18.88 -14.05
N VAL B 164 -12.25 -18.91 -13.69
CA VAL B 164 -11.46 -17.69 -13.61
C VAL B 164 -11.29 -17.08 -15.00
N ILE B 165 -11.05 -17.92 -16.01
CA ILE B 165 -10.88 -17.41 -17.37
C ILE B 165 -12.17 -16.78 -17.87
N LYS B 166 -13.30 -17.46 -17.63
CA LYS B 166 -14.58 -16.91 -18.09
C LYS B 166 -15.00 -15.70 -17.28
N GLY B 167 -14.61 -15.63 -16.00
CA GLY B 167 -14.89 -14.45 -15.21
C GLY B 167 -14.12 -13.22 -15.69
N LEU B 168 -12.82 -13.40 -15.98
CA LEU B 168 -12.04 -12.30 -16.54
C LEU B 168 -12.54 -11.94 -17.94
N THR B 169 -12.93 -12.94 -18.73
CA THR B 169 -13.47 -12.67 -20.06
C THR B 169 -14.76 -11.87 -19.96
N TYR B 170 -15.62 -12.20 -19.00
CA TYR B 170 -16.86 -11.47 -18.81
C TYR B 170 -16.59 -10.00 -18.51
N LEU B 171 -15.65 -9.74 -17.60
CA LEU B 171 -15.41 -8.36 -17.16
C LEU B 171 -14.83 -7.52 -18.29
N ARG B 172 -13.92 -8.08 -19.08
CA ARG B 172 -13.29 -7.29 -20.14
C ARG B 172 -14.24 -7.10 -21.31
N GLU B 173 -14.93 -8.16 -21.73
CA GLU B 173 -15.75 -8.08 -22.94
C GLU B 173 -17.05 -7.31 -22.71
N LYS B 174 -17.61 -7.39 -21.49
CA LYS B 174 -18.89 -6.77 -21.20
C LYS B 174 -18.78 -5.44 -20.49
N HIS B 175 -17.72 -5.21 -19.71
CA HIS B 175 -17.59 -4.00 -18.92
C HIS B 175 -16.27 -3.24 -19.14
N LYS B 176 -15.35 -3.79 -19.94
CA LYS B 176 -14.09 -3.12 -20.28
C LYS B 176 -13.25 -2.80 -19.05
N ILE B 177 -13.30 -3.68 -18.04
CA ILE B 177 -12.46 -3.56 -16.85
C ILE B 177 -11.60 -4.80 -16.73
N MET B 178 -10.40 -4.61 -16.19
CA MET B 178 -9.55 -5.73 -15.81
C MET B 178 -9.57 -5.87 -14.28
N HIS B 179 -9.21 -7.06 -13.82
CA HIS B 179 -9.37 -7.36 -12.40
C HIS B 179 -8.36 -6.59 -11.56
N ARG B 180 -7.09 -6.61 -11.94
CA ARG B 180 -5.95 -5.93 -11.34
C ARG B 180 -5.49 -6.58 -10.04
N ASP B 181 -6.19 -7.57 -9.49
CA ASP B 181 -5.80 -8.16 -8.21
C ASP B 181 -6.27 -9.61 -8.14
N VAL B 182 -5.78 -10.44 -9.06
CA VAL B 182 -6.10 -11.86 -9.07
C VAL B 182 -5.10 -12.59 -8.19
N LYS B 183 -5.59 -13.33 -7.21
CA LYS B 183 -4.77 -14.13 -6.31
C LYS B 183 -5.69 -15.01 -5.47
N PRO B 184 -5.16 -16.07 -4.85
CA PRO B 184 -6.06 -17.04 -4.19
C PRO B 184 -6.96 -16.44 -3.13
N SER B 185 -6.54 -15.38 -2.45
CA SER B 185 -7.33 -14.80 -1.38
C SER B 185 -8.61 -14.14 -1.86
N ASN B 186 -8.77 -13.92 -3.16
CA ASN B 186 -9.96 -13.25 -3.69
C ASN B 186 -10.73 -14.13 -4.66
N ILE B 187 -10.52 -15.44 -4.61
CA ILE B 187 -11.32 -16.40 -5.36
C ILE B 187 -12.10 -17.21 -4.35
N LEU B 188 -13.43 -17.06 -4.36
CA LEU B 188 -14.28 -17.60 -3.31
C LEU B 188 -15.08 -18.80 -3.83
N VAL B 189 -15.40 -19.71 -2.90
CA VAL B 189 -16.09 -20.96 -3.19
C VAL B 189 -17.26 -21.10 -2.22
N ASN B 190 -18.16 -22.02 -2.54
CA ASN B 190 -19.31 -22.27 -1.68
C ASN B 190 -19.72 -23.73 -1.77
N SER B 191 -20.65 -24.12 -0.89
CA SER B 191 -21.14 -25.49 -0.85
C SER B 191 -22.05 -25.81 -2.03
N ARG B 192 -22.62 -24.80 -2.69
CA ARG B 192 -23.37 -25.05 -3.91
C ARG B 192 -22.48 -25.60 -5.02
N GLY B 193 -21.20 -25.24 -5.01
CA GLY B 193 -20.27 -25.69 -6.02
C GLY B 193 -19.81 -24.63 -7.00
N GLU B 194 -20.28 -23.40 -6.88
CA GLU B 194 -19.85 -22.31 -7.76
C GLU B 194 -18.63 -21.62 -7.16
N ILE B 195 -17.76 -21.13 -8.03
CA ILE B 195 -16.61 -20.33 -7.62
C ILE B 195 -16.66 -19.01 -8.36
N LYS B 196 -16.34 -17.92 -7.66
CA LYS B 196 -16.53 -16.58 -8.19
C LYS B 196 -15.38 -15.68 -7.77
N LEU B 197 -15.08 -14.70 -8.62
CA LEU B 197 -14.04 -13.71 -8.36
C LEU B 197 -14.63 -12.51 -7.63
N CYS B 198 -13.79 -11.87 -6.83
CA CYS B 198 -14.20 -10.69 -6.06
C CYS B 198 -13.04 -9.71 -6.00
N ASP B 199 -13.29 -8.56 -5.38
CA ASP B 199 -12.25 -7.58 -5.06
C ASP B 199 -11.50 -7.12 -6.31
N PHE B 200 -12.21 -6.96 -7.42
CA PHE B 200 -11.59 -6.47 -8.64
C PHE B 200 -11.73 -4.96 -8.74
N GLY B 201 -10.78 -4.34 -9.43
CA GLY B 201 -10.69 -2.89 -9.49
C GLY B 201 -11.72 -2.25 -10.40
N VAL B 202 -12.87 -1.87 -9.83
CA VAL B 202 -13.95 -1.29 -10.62
C VAL B 202 -13.95 0.23 -10.49
N SER B 203 -13.42 0.75 -9.39
CA SER B 203 -13.40 2.19 -9.12
C SER B 203 -11.96 2.69 -9.17
N GLY B 204 -11.67 3.57 -10.13
CA GLY B 204 -10.34 4.14 -10.21
C GLY B 204 -10.04 5.11 -9.09
N GLN B 205 -11.06 5.80 -8.58
CA GLN B 205 -10.85 6.74 -7.49
C GLN B 205 -10.64 6.02 -6.17
N LEU B 206 -11.27 4.85 -6.00
CA LEU B 206 -11.06 4.08 -4.77
C LEU B 206 -9.62 3.61 -4.64
N ILE B 207 -8.98 3.29 -5.76
CA ILE B 207 -7.57 2.91 -5.72
C ILE B 207 -6.73 4.05 -5.18
N ASP B 208 -6.98 5.27 -5.68
CA ASP B 208 -6.19 6.42 -5.23
C ASP B 208 -6.59 6.85 -3.82
N SER B 209 -7.86 6.68 -3.44
CA SER B 209 -8.33 7.16 -2.15
C SER B 209 -7.82 6.33 -0.99
N MET B 210 -7.37 5.09 -1.23
CA MET B 210 -6.81 4.27 -0.16
C MET B 210 -5.48 4.85 0.29
N ALA B 211 -5.35 5.08 1.59
CA ALA B 211 -4.20 5.83 2.10
C ALA B 211 -2.94 4.97 2.13
N ASN B 212 -3.07 3.69 2.50
CA ASN B 212 -1.91 2.85 2.73
C ASN B 212 -2.15 1.43 2.24
N SER B 213 -1.13 0.84 1.63
CA SER B 213 -1.16 -0.52 1.14
C SER B 213 -0.29 -1.40 2.03
N PHE B 214 -0.51 -2.70 1.94
CA PHE B 214 0.15 -3.70 2.78
C PHE B 214 0.97 -4.62 1.90
N VAL B 215 2.28 -4.44 1.92
CA VAL B 215 3.20 -5.18 1.07
C VAL B 215 3.87 -6.27 1.90
N GLY B 216 3.69 -7.52 1.49
CA GLY B 216 4.24 -8.64 2.24
C GLY B 216 5.25 -9.47 1.47
N THR B 217 5.35 -10.75 1.80
CA THR B 217 6.32 -11.66 1.18
C THR B 217 5.75 -12.41 -0.02
N ARG B 218 4.44 -12.44 -0.19
CA ARG B 218 3.82 -13.04 -1.37
C ARG B 218 3.36 -11.94 -2.30
N SER B 219 3.85 -11.97 -3.54
CA SER B 219 3.47 -10.99 -4.56
C SER B 219 2.98 -11.72 -5.80
N TYR B 220 1.79 -11.33 -6.27
CA TYR B 220 1.22 -11.90 -7.48
C TYR B 220 1.23 -10.92 -8.65
N MET B 221 1.97 -9.82 -8.52
CA MET B 221 2.00 -8.80 -9.56
C MET B 221 2.85 -9.27 -10.74
N SER B 222 2.38 -8.96 -11.95
CA SER B 222 3.05 -9.39 -13.16
C SER B 222 4.37 -8.64 -13.34
N PRO B 223 5.32 -9.22 -14.09
CA PRO B 223 6.59 -8.53 -14.31
C PRO B 223 6.45 -7.18 -15.00
N GLU B 224 5.57 -7.07 -15.99
CA GLU B 224 5.40 -5.81 -16.69
C GLU B 224 4.83 -4.72 -15.78
N ARG B 225 3.96 -5.11 -14.83
CA ARG B 225 3.43 -4.12 -13.90
C ARG B 225 4.49 -3.64 -12.92
N LEU B 226 5.41 -4.53 -12.53
CA LEU B 226 6.47 -4.13 -11.62
C LEU B 226 7.44 -3.16 -12.29
N GLN B 227 7.61 -3.25 -13.60
CA GLN B 227 8.52 -2.37 -14.34
C GLN B 227 7.85 -1.10 -14.84
N GLY B 228 6.55 -0.95 -14.61
CA GLY B 228 5.89 0.31 -14.91
C GLY B 228 5.58 0.54 -16.36
N THR B 229 5.36 -0.52 -17.14
CA THR B 229 5.01 -0.40 -18.55
C THR B 229 3.51 -0.63 -18.72
N HIS B 230 3.05 -0.50 -19.97
CA HIS B 230 1.64 -0.71 -20.26
C HIS B 230 1.24 -2.14 -19.97
N TYR B 231 0.06 -2.32 -19.39
CA TYR B 231 -0.41 -3.65 -19.04
C TYR B 231 -1.91 -3.77 -19.35
N SER B 232 -2.34 -5.01 -19.55
CA SER B 232 -3.74 -5.31 -19.81
C SER B 232 -4.18 -6.53 -19.01
N VAL B 233 -5.18 -7.27 -19.50
CA VAL B 233 -5.62 -8.46 -18.79
C VAL B 233 -4.53 -9.52 -18.78
N GLN B 234 -3.51 -9.38 -19.65
CA GLN B 234 -2.37 -10.29 -19.62
C GLN B 234 -1.73 -10.37 -18.24
N SER B 235 -1.74 -9.26 -17.48
CA SER B 235 -1.23 -9.30 -16.11
C SER B 235 -2.13 -10.15 -15.23
N ASP B 236 -3.44 -10.11 -15.44
CA ASP B 236 -4.35 -10.96 -14.68
C ASP B 236 -4.12 -12.43 -15.03
N ILE B 237 -3.71 -12.72 -16.25
CA ILE B 237 -3.45 -14.10 -16.67
C ILE B 237 -2.18 -14.61 -15.99
N TRP B 238 -1.15 -13.76 -15.88
CA TRP B 238 0.03 -14.11 -15.11
C TRP B 238 -0.34 -14.39 -13.65
N SER B 239 -1.13 -13.49 -13.06
CA SER B 239 -1.54 -13.67 -11.67
C SER B 239 -2.27 -14.99 -11.48
N MET B 240 -3.10 -15.38 -12.45
CA MET B 240 -3.81 -16.64 -12.37
C MET B 240 -2.83 -17.82 -12.44
N GLY B 241 -1.87 -17.76 -13.37
CA GLY B 241 -0.91 -18.83 -13.48
C GLY B 241 -0.08 -19.02 -12.23
N LEU B 242 0.41 -17.91 -11.66
CA LEU B 242 1.17 -18.00 -10.42
C LEU B 242 0.31 -18.50 -9.27
N SER B 243 -0.98 -18.15 -9.27
CA SER B 243 -1.88 -18.65 -8.23
C SER B 243 -2.12 -20.14 -8.38
N LEU B 244 -2.20 -20.63 -9.63
CA LEU B 244 -2.50 -22.03 -9.86
C LEU B 244 -1.35 -22.94 -9.43
N VAL B 245 -0.11 -22.54 -9.73
CA VAL B 245 1.03 -23.38 -9.35
C VAL B 245 1.22 -23.39 -7.84
N GLU B 246 0.92 -22.27 -7.17
CA GLU B 246 1.00 -22.25 -5.71
C GLU B 246 -0.02 -23.20 -5.10
N MET B 247 -1.24 -23.20 -5.61
CA MET B 247 -2.27 -24.10 -5.08
C MET B 247 -1.99 -25.54 -5.43
N ALA B 248 -1.31 -25.79 -6.55
CA ALA B 248 -1.01 -27.16 -6.96
C ALA B 248 0.09 -27.79 -6.12
N VAL B 249 1.09 -26.99 -5.71
CA VAL B 249 2.24 -27.51 -4.99
C VAL B 249 2.16 -27.28 -3.49
N GLY B 250 1.27 -26.41 -3.03
CA GLY B 250 1.11 -26.15 -1.61
C GLY B 250 2.07 -25.15 -1.01
N ARG B 251 2.83 -24.44 -1.83
CA ARG B 251 3.78 -23.45 -1.33
C ARG B 251 3.90 -22.33 -2.36
N TYR B 252 4.09 -21.11 -1.88
CA TYR B 252 4.38 -20.01 -2.78
C TYR B 252 5.67 -20.31 -3.52
N PRO B 253 5.67 -20.34 -4.86
CA PRO B 253 6.76 -20.98 -5.60
C PRO B 253 7.96 -20.08 -5.92
N ILE B 254 8.04 -18.87 -5.37
CA ILE B 254 9.18 -18.00 -5.59
C ILE B 254 9.76 -17.63 -4.23
N PRO B 255 11.03 -17.96 -3.93
CA PRO B 255 11.95 -18.67 -4.84
C PRO B 255 11.64 -20.16 -4.95
N PRO B 256 12.04 -20.78 -6.05
CA PRO B 256 11.76 -22.20 -6.23
C PRO B 256 12.44 -23.01 -5.14
N PRO B 257 11.82 -24.12 -4.74
CA PRO B 257 12.42 -24.96 -3.70
C PRO B 257 13.53 -25.84 -4.24
N ASP B 258 14.46 -26.18 -3.36
CA ASP B 258 15.57 -27.05 -3.72
C ASP B 258 15.10 -28.51 -3.80
N ALA B 259 16.04 -29.40 -4.10
CA ALA B 259 15.69 -30.80 -4.32
C ALA B 259 15.11 -31.44 -3.06
N LYS B 260 15.64 -31.09 -1.89
CA LYS B 260 15.17 -31.70 -0.65
C LYS B 260 13.72 -31.31 -0.36
N GLU B 261 13.35 -30.06 -0.64
CA GLU B 261 11.98 -29.62 -0.35
C GLU B 261 10.98 -30.25 -1.31
N LEU B 262 11.36 -30.44 -2.58
CA LEU B 262 10.46 -31.08 -3.53
C LEU B 262 10.21 -32.54 -3.16
N GLU B 263 11.18 -33.21 -2.54
CA GLU B 263 10.98 -34.59 -2.12
C GLU B 263 10.11 -34.67 -0.86
N LEU B 264 10.32 -33.76 0.09
CA LEU B 264 9.52 -33.76 1.30
C LEU B 264 8.05 -33.44 1.03
N MET B 265 7.78 -32.65 -0.01
CA MET B 265 6.39 -32.33 -0.34
C MET B 265 5.65 -33.56 -0.86
N PHE B 266 6.35 -34.42 -1.59
CA PHE B 266 5.73 -35.61 -2.17
C PHE B 266 6.40 -36.88 -1.66
N PRO B 298 13.41 -15.54 4.94
CA PRO B 298 14.40 -14.51 5.25
C PRO B 298 14.87 -13.77 4.01
N MET B 299 13.94 -13.12 3.30
CA MET B 299 14.25 -12.45 2.05
C MET B 299 13.57 -11.08 2.02
N ALA B 300 14.32 -10.06 1.62
CA ALA B 300 13.78 -8.72 1.53
C ALA B 300 12.79 -8.61 0.37
N ILE B 301 11.93 -7.59 0.45
CA ILE B 301 10.87 -7.43 -0.54
C ILE B 301 11.45 -7.17 -1.93
N PHE B 302 12.49 -6.34 -2.01
CA PHE B 302 13.08 -6.05 -3.31
C PHE B 302 13.73 -7.27 -3.94
N GLU B 303 14.24 -8.20 -3.12
CA GLU B 303 14.87 -9.40 -3.66
C GLU B 303 13.84 -10.28 -4.38
N LEU B 304 12.65 -10.42 -3.80
CA LEU B 304 11.60 -11.19 -4.46
C LEU B 304 11.15 -10.53 -5.75
N LEU B 305 10.88 -9.23 -5.71
CA LEU B 305 10.41 -8.52 -6.90
C LEU B 305 11.43 -8.59 -8.03
N ASP B 306 12.71 -8.44 -7.69
CA ASP B 306 13.75 -8.54 -8.72
C ASP B 306 13.90 -9.97 -9.22
N TYR B 307 13.63 -10.95 -8.36
CA TYR B 307 13.61 -12.34 -8.81
C TYR B 307 12.50 -12.58 -9.81
N ILE B 308 11.32 -12.00 -9.56
CA ILE B 308 10.20 -12.16 -10.48
C ILE B 308 10.52 -11.53 -11.84
N VAL B 309 11.23 -10.40 -11.83
CA VAL B 309 11.47 -9.67 -13.07
C VAL B 309 12.58 -10.32 -13.88
N ASN B 310 13.64 -10.80 -13.23
CA ASN B 310 14.84 -11.21 -13.95
C ASN B 310 15.04 -12.72 -14.03
N GLU B 311 14.60 -13.48 -13.05
CA GLU B 311 14.84 -14.91 -13.08
C GLU B 311 13.74 -15.64 -13.84
N PRO B 312 14.03 -16.83 -14.37
CA PRO B 312 13.02 -17.55 -15.13
C PRO B 312 11.80 -17.84 -14.26
N PRO B 313 10.62 -17.91 -14.86
CA PRO B 313 9.38 -18.06 -14.08
C PRO B 313 9.32 -19.44 -13.44
N PRO B 314 8.51 -19.60 -12.39
CA PRO B 314 8.38 -20.91 -11.75
C PRO B 314 7.67 -21.89 -12.68
N LYS B 315 7.92 -23.17 -12.43
CA LYS B 315 7.35 -24.23 -13.25
C LYS B 315 6.95 -25.39 -12.36
N LEU B 316 5.99 -26.18 -12.84
CA LEU B 316 5.50 -27.33 -12.11
C LEU B 316 6.48 -28.51 -12.23
N PRO B 317 6.54 -29.36 -11.21
CA PRO B 317 7.35 -30.57 -11.32
C PRO B 317 6.82 -31.46 -12.45
N SER B 318 7.75 -32.06 -13.20
CA SER B 318 7.40 -32.76 -14.42
C SER B 318 6.87 -34.17 -14.17
N ALA B 319 6.89 -34.66 -12.94
CA ALA B 319 6.54 -36.05 -12.67
C ALA B 319 5.07 -36.23 -12.29
N VAL B 320 4.53 -35.35 -11.46
CA VAL B 320 3.25 -35.58 -10.80
C VAL B 320 2.08 -34.94 -11.55
N PHE B 321 2.34 -34.12 -12.56
CA PHE B 321 1.28 -33.40 -13.25
C PHE B 321 1.30 -33.71 -14.74
N SER B 322 0.13 -33.64 -15.36
CA SER B 322 -0.01 -33.95 -16.77
C SER B 322 0.67 -32.88 -17.63
N LEU B 323 1.00 -33.27 -18.88
CA LEU B 323 1.62 -32.33 -19.80
C LEU B 323 0.71 -31.15 -20.08
N GLU B 324 -0.60 -31.40 -20.18
CA GLU B 324 -1.54 -30.33 -20.49
C GLU B 324 -1.53 -29.27 -19.39
N PHE B 325 -1.49 -29.69 -18.13
CA PHE B 325 -1.48 -28.74 -17.03
C PHE B 325 -0.15 -27.97 -16.98
N GLN B 326 0.97 -28.69 -17.16
CA GLN B 326 2.26 -28.03 -17.16
C GLN B 326 2.37 -27.00 -18.27
N ASP B 327 1.90 -27.35 -19.48
CA ASP B 327 1.94 -26.39 -20.57
C ASP B 327 0.97 -25.23 -20.33
N PHE B 328 -0.14 -25.50 -19.63
CA PHE B 328 -1.11 -24.45 -19.35
C PHE B 328 -0.49 -23.35 -18.49
N VAL B 329 0.14 -23.73 -17.38
CA VAL B 329 0.74 -22.74 -16.51
C VAL B 329 1.97 -22.11 -17.13
N ASN B 330 2.69 -22.86 -17.99
CA ASN B 330 3.84 -22.29 -18.66
C ASN B 330 3.43 -21.18 -19.61
N LYS B 331 2.29 -21.35 -20.29
CA LYS B 331 1.80 -20.30 -21.18
C LYS B 331 1.29 -19.10 -20.40
N CYS B 332 0.82 -19.31 -19.18
CA CYS B 332 0.36 -18.22 -18.33
C CYS B 332 1.50 -17.43 -17.71
N LEU B 333 2.68 -18.03 -17.57
CA LEU B 333 3.79 -17.42 -16.86
C LEU B 333 4.90 -16.97 -17.79
N ILE B 334 4.60 -16.77 -19.07
CA ILE B 334 5.58 -16.20 -19.99
C ILE B 334 5.80 -14.73 -19.62
N LYS B 335 7.05 -14.32 -19.50
CA LYS B 335 7.34 -12.97 -19.01
C LYS B 335 6.87 -11.91 -19.99
N ASN B 336 7.13 -12.10 -21.27
CA ASN B 336 6.66 -11.16 -22.28
C ASN B 336 5.14 -11.25 -22.39
N PRO B 337 4.40 -10.20 -22.02
CA PRO B 337 2.93 -10.29 -22.08
C PRO B 337 2.38 -10.44 -23.49
N ALA B 338 3.15 -10.07 -24.51
CA ALA B 338 2.72 -10.29 -25.88
C ALA B 338 2.75 -11.76 -26.25
N GLU B 339 3.73 -12.51 -25.73
CA GLU B 339 3.82 -13.95 -25.95
C GLU B 339 2.98 -14.75 -24.98
N ARG B 340 2.66 -14.19 -23.81
CA ARG B 340 1.78 -14.85 -22.87
C ARG B 340 0.42 -15.09 -23.50
N ALA B 341 -0.17 -16.24 -23.21
CA ALA B 341 -1.48 -16.58 -23.75
C ALA B 341 -2.52 -15.57 -23.29
N ASP B 342 -3.43 -15.22 -24.19
CA ASP B 342 -4.56 -14.37 -23.83
C ASP B 342 -5.75 -15.24 -23.43
N LEU B 343 -6.87 -14.60 -23.13
CA LEU B 343 -8.02 -15.34 -22.60
C LEU B 343 -8.58 -16.30 -23.64
N LYS B 344 -8.60 -15.89 -24.91
CA LYS B 344 -9.14 -16.76 -25.95
C LYS B 344 -8.26 -17.98 -26.17
N GLN B 345 -6.94 -17.80 -26.24
CA GLN B 345 -6.03 -18.94 -26.40
C GLN B 345 -6.19 -19.93 -25.27
N LEU B 346 -6.33 -19.43 -24.03
CA LEU B 346 -6.57 -20.32 -22.90
C LEU B 346 -7.85 -21.10 -23.08
N MET B 347 -8.92 -20.42 -23.52
CA MET B 347 -10.23 -21.04 -23.69
C MET B 347 -10.19 -22.33 -24.51
N VAL B 348 -9.21 -22.48 -25.39
CA VAL B 348 -9.11 -23.64 -26.25
C VAL B 348 -7.88 -24.50 -25.96
N HIS B 349 -7.08 -24.14 -24.95
CA HIS B 349 -5.95 -24.97 -24.59
C HIS B 349 -6.44 -26.34 -24.15
N ALA B 350 -5.72 -27.39 -24.58
CA ALA B 350 -6.15 -28.75 -24.35
C ALA B 350 -6.42 -29.06 -22.89
N PHE B 351 -5.84 -28.29 -21.97
CA PHE B 351 -5.99 -28.58 -20.55
C PHE B 351 -7.43 -28.35 -20.09
N ILE B 352 -8.05 -27.25 -20.50
CA ILE B 352 -9.40 -26.97 -19.99
C ILE B 352 -10.49 -27.55 -20.88
N LYS B 353 -10.20 -27.85 -22.16
CA LYS B 353 -11.10 -28.71 -22.92
C LYS B 353 -11.27 -30.05 -22.23
N ARG B 354 -10.15 -30.63 -21.81
CA ARG B 354 -10.19 -31.88 -21.05
C ARG B 354 -10.90 -31.70 -19.72
N SER B 355 -10.61 -30.61 -19.00
CA SER B 355 -11.21 -30.41 -17.68
C SER B 355 -12.70 -30.12 -17.77
N ASP B 356 -13.14 -29.42 -18.82
CA ASP B 356 -14.54 -29.05 -18.94
C ASP B 356 -15.42 -30.29 -19.08
N ALA B 357 -14.96 -31.28 -19.84
CA ALA B 357 -15.72 -32.52 -20.04
C ALA B 357 -15.34 -33.57 -18.99
N GLU B 358 -15.41 -33.21 -17.72
CA GLU B 358 -15.08 -34.11 -16.63
C GLU B 358 -16.15 -34.01 -15.54
N GLU B 359 -16.40 -35.15 -14.90
CA GLU B 359 -17.38 -35.24 -13.82
C GLU B 359 -16.62 -35.22 -12.50
N VAL B 360 -16.61 -34.06 -11.84
CA VAL B 360 -16.00 -33.90 -10.54
C VAL B 360 -17.00 -33.21 -9.61
N ASP B 361 -17.24 -33.80 -8.45
CA ASP B 361 -18.14 -33.22 -7.45
C ASP B 361 -17.35 -32.20 -6.64
N PHE B 362 -17.36 -30.95 -7.11
CA PHE B 362 -16.60 -29.91 -6.44
C PHE B 362 -17.14 -29.65 -5.03
N ALA B 363 -18.47 -29.65 -4.87
CA ALA B 363 -19.05 -29.44 -3.55
C ALA B 363 -18.65 -30.56 -2.60
N GLY B 364 -18.57 -31.79 -3.10
CA GLY B 364 -18.17 -32.89 -2.24
C GLY B 364 -16.73 -32.80 -1.78
N TRP B 365 -15.83 -32.44 -2.69
CA TRP B 365 -14.43 -32.23 -2.32
C TRP B 365 -14.30 -31.11 -1.29
N LEU B 366 -15.09 -30.04 -1.46
CA LEU B 366 -15.01 -28.91 -0.54
C LEU B 366 -15.51 -29.30 0.85
N CYS B 367 -16.73 -29.83 0.93
CA CYS B 367 -17.33 -30.13 2.23
C CYS B 367 -16.57 -31.23 2.97
N SER B 368 -15.99 -32.19 2.25
CA SER B 368 -15.34 -33.32 2.91
C SER B 368 -13.99 -32.95 3.49
N THR B 369 -13.24 -32.06 2.83
CA THR B 369 -11.91 -31.70 3.30
C THR B 369 -11.91 -30.52 4.26
N ILE B 370 -12.85 -29.59 4.11
CA ILE B 370 -12.93 -28.43 4.99
C ILE B 370 -13.78 -28.72 6.22
N GLY B 371 -14.96 -29.32 6.03
CA GLY B 371 -15.78 -29.72 7.15
C GLY B 371 -17.06 -28.92 7.30
N LEU B 372 -17.93 -28.99 6.29
CA LEU B 372 -19.21 -28.30 6.35
C LEU B 372 -20.36 -29.28 6.13
PG ANP C . 2.24 11.66 8.78
O1G ANP C . 1.25 10.94 9.64
O2G ANP C . 2.53 10.77 7.51
O3G ANP C . 3.57 11.87 9.60
PB ANP C . 1.97 14.36 9.41
O1B ANP C . 3.45 14.60 9.43
O2B ANP C . 1.29 15.70 8.99
N3B ANP C . 1.61 13.15 8.30
PA ANP C . 1.93 14.55 12.18
O1A ANP C . 3.34 15.02 12.08
O2A ANP C . 1.68 13.51 13.27
O3A ANP C . 1.45 13.88 10.81
O5' ANP C . 1.03 15.82 12.40
C5' ANP C . -0.37 15.68 12.71
C4' ANP C . -1.06 16.99 12.43
O4' ANP C . -0.46 18.03 13.24
C3' ANP C . -0.99 17.49 10.99
O3' ANP C . -2.21 18.10 10.60
C2' ANP C . 0.16 18.49 11.02
O2' ANP C . 0.04 19.49 10.01
C1' ANP C . -0.02 19.09 12.42
N9 ANP C . 1.20 19.65 12.98
C8 ANP C . 2.36 18.98 13.29
N7 ANP C . 3.31 19.73 13.79
C5 ANP C . 2.73 21.00 13.82
C6 ANP C . 3.21 22.24 14.25
N6 ANP C . 4.44 22.44 14.76
N1 ANP C . 2.38 23.31 14.14
C2 ANP C . 1.16 23.12 13.65
N3 ANP C . 0.59 21.99 13.22
C4 ANP C . 1.44 20.96 13.34
MG MG D . 5.17 14.47 10.63
PG ANP E . -5.72 -8.24 0.74
O1G ANP E . -5.90 -7.19 1.78
O2G ANP E . -4.52 -7.82 -0.21
O3G ANP E . -7.05 -8.40 -0.12
PB ANP E . -6.75 -10.42 2.11
O1B ANP E . -6.36 -11.44 3.13
O2B ANP E . -7.56 -11.12 0.98
N3B ANP E . -5.36 -9.72 1.47
PA ANP E . -9.20 -9.24 2.32
O1A ANP E . -9.93 -8.19 3.07
O2A ANP E . -9.18 -8.97 0.82
O3A ANP E . -7.67 -9.35 2.77
O5' ANP E . -9.86 -10.64 2.68
C5' ANP E . -10.13 -10.97 4.06
C4' ANP E . -10.35 -12.45 4.17
O4' ANP E . -11.73 -12.70 4.51
C3' ANP E . -10.08 -13.26 2.89
O3' ANP E . -8.73 -13.71 2.88
C2' ANP E . -11.07 -14.41 3.00
O2' ANP E . -10.57 -15.47 3.81
C1' ANP E . -12.25 -13.74 3.69
N9 ANP E . -13.23 -13.15 2.78
C8 ANP E . -13.13 -11.95 2.14
N7 ANP E . -14.17 -11.66 1.38
C5 ANP E . -15.01 -12.75 1.54
C6 ANP E . -16.27 -13.07 1.00
N6 ANP E . -16.93 -12.28 0.15
N1 ANP E . -16.83 -14.24 1.38
C2 ANP E . -16.17 -15.04 2.22
N3 ANP E . -14.97 -14.84 2.79
C4 ANP E . -14.44 -13.68 2.41
C01 4BM F . -14.72 -5.00 -4.27
C02 4BM F . -14.95 -5.05 -5.66
C03 4BM F . -15.93 -5.90 -6.19
C04 4BM F . -16.67 -6.68 -5.36
C05 4BM F . -16.44 -6.64 -3.97
C06 4BM F . -15.47 -5.80 -3.44
N07 4BM F . -13.68 -4.09 -3.67
C08 4BM F . -12.90 -3.14 -4.49
C09 4BM F . -11.52 -3.18 -4.44
C10 4BM F . -10.79 -2.30 -5.19
C11 4BM F . -11.40 -1.37 -6.01
C12 4BM F . -12.79 -1.34 -6.06
C13 4BM F . -13.52 -2.19 -5.32
C14 4BM F . -10.84 -4.24 -3.50
N15 4BM F . -9.41 -4.44 -3.45
O16 4BM F . -11.52 -4.91 -2.81
O17 4BM F . -8.48 -3.70 -4.24
C18 4BM F . -7.30 -3.45 -3.55
C19 4BM F . -6.52 -2.37 -4.31
C20 4BM F . -5.05 -2.32 -3.77
O21 4BM F . -6.52 -2.66 -5.67
O22 4BM F . -5.07 -1.78 -2.42
I23 4BM F . -18.17 -7.98 -6.13
F24 4BM F . -15.26 -5.76 -2.09
F25 4BM F . -14.86 -2.14 -5.39
F26 4BM F . -13.41 -0.42 -6.86
MG MG G . -9.75 -9.53 -0.78
#